data_4DF3
#
_entry.id   4DF3
#
_cell.length_a   39.639
_cell.length_b   52.087
_cell.length_c   63.030
_cell.angle_alpha   66.28
_cell.angle_beta   84.55
_cell.angle_gamma   77.61
#
_symmetry.space_group_name_H-M   'P 1'
#
loop_
_entity.id
_entity.type
_entity.pdbx_description
1 polymer "Fibrillarin-like rRNA/tRNA 2'-O-methyltransferase"
2 non-polymer S-ADENOSYLMETHIONINE
3 water water
#
_entity_poly.entity_id   1
_entity_poly.type   'polypeptide(L)'
_entity_poly.pdbx_seq_one_letter_code
;MVEVVSVSRHDRWRGVYVVELEDGSLRIATKNLVPGQRVYGERIFRYNGEEYREWNAYRSKLAAALLKGLIELPVKEGDR
ILYLGIASGTTASHMSDIIGPRGRIYGVEFAPRVMRDLLTVVRDRRNIFPILGDARFPEKYRHLVEGVDGLYADVAQPEQ
AAIVVRNARFFLRDGGYMLMAIKARSIDVTTEPSEVYKREIKTLMDGGLEIKDVVHLDPFDRDHAMIYAVMRR
;
_entity_poly.pdbx_strand_id   A,B
#
loop_
_chem_comp.id
_chem_comp.type
_chem_comp.name
_chem_comp.formula
SAM non-polymer S-ADENOSYLMETHIONINE 'C15 H22 N6 O5 S'
#
# COMPACT_ATOMS: atom_id res chain seq x y z
N MET A 1 -29.64 5.08 -17.62
CA MET A 1 -28.22 5.04 -18.16
C MET A 1 -27.64 6.44 -18.47
N VAL A 2 -26.44 6.74 -17.99
CA VAL A 2 -25.73 7.96 -18.45
C VAL A 2 -24.72 7.56 -19.56
N GLU A 3 -24.63 8.32 -20.68
CA GLU A 3 -23.69 7.98 -21.78
C GLU A 3 -22.26 8.36 -21.45
N VAL A 4 -21.31 7.53 -21.85
CA VAL A 4 -19.94 7.85 -21.53
C VAL A 4 -19.09 7.72 -22.76
N VAL A 5 -18.01 8.49 -22.79
CA VAL A 5 -17.09 8.41 -23.94
C VAL A 5 -16.06 7.29 -23.83
N SER A 6 -15.71 6.94 -22.59
CA SER A 6 -14.75 5.86 -22.33
C SER A 6 -14.84 5.41 -20.90
N VAL A 7 -14.40 4.17 -20.67
CA VAL A 7 -14.33 3.59 -19.31
C VAL A 7 -12.98 2.85 -19.37
N SER A 8 -12.12 3.04 -18.39
CA SER A 8 -10.90 2.24 -18.35
C SER A 8 -10.52 2.00 -16.90
N ARG A 9 -10.08 0.81 -16.59
CA ARG A 9 -9.66 0.55 -15.20
C ARG A 9 -8.50 1.43 -14.78
N HIS A 10 -8.59 1.91 -13.54
CA HIS A 10 -7.57 2.79 -12.97
C HIS A 10 -6.29 2.00 -12.86
N ASP A 11 -5.14 2.68 -13.01
CA ASP A 11 -3.84 1.96 -13.09
C ASP A 11 -3.42 1.34 -11.78
N ARG A 12 -3.93 1.90 -10.69
CA ARG A 12 -3.52 1.41 -9.35
C ARG A 12 -4.69 0.89 -8.47
N TRP A 13 -5.85 1.55 -8.56
CA TRP A 13 -7.06 1.13 -7.76
C TRP A 13 -7.78 0.07 -8.57
N ARG A 14 -7.36 -1.18 -8.39
CA ARG A 14 -7.91 -2.30 -9.16
C ARG A 14 -9.42 -2.41 -8.84
N GLY A 15 -10.25 -2.68 -9.85
CA GLY A 15 -11.72 -2.83 -9.64
C GLY A 15 -12.44 -1.45 -9.66
N VAL A 16 -11.67 -0.39 -9.82
CA VAL A 16 -12.20 0.96 -9.93
C VAL A 16 -11.88 1.43 -11.34
N TYR A 17 -12.82 2.15 -11.94
CA TYR A 17 -12.82 2.51 -13.37
C TYR A 17 -13.00 3.99 -13.53
N VAL A 18 -12.13 4.55 -14.36
CA VAL A 18 -12.16 5.95 -14.66
C VAL A 18 -13.10 6.13 -15.84
N VAL A 19 -14.08 6.99 -15.64
CA VAL A 19 -15.19 7.16 -16.60
C VAL A 19 -15.12 8.60 -17.13
N GLU A 20 -15.06 8.80 -18.46
CA GLU A 20 -15.12 10.15 -18.96
C GLU A 20 -16.51 10.41 -19.53
N LEU A 21 -17.16 11.48 -19.08
CA LEU A 21 -18.49 11.82 -19.59
C LEU A 21 -18.43 12.69 -20.86
N GLU A 22 -19.60 12.96 -21.45
CA GLU A 22 -19.72 13.83 -22.66
C GLU A 22 -18.76 15.04 -22.73
N ASP A 23 -18.63 15.76 -21.60
CA ASP A 23 -17.95 17.07 -21.56
C ASP A 23 -16.46 17.00 -21.21
N GLY A 24 -15.94 15.78 -21.20
CA GLY A 24 -14.60 15.53 -20.74
C GLY A 24 -14.40 15.45 -19.22
N SER A 25 -15.47 15.68 -18.42
CA SER A 25 -15.44 15.55 -16.94
C SER A 25 -15.34 14.04 -16.55
N LEU A 26 -14.76 13.77 -15.39
CA LEU A 26 -14.38 12.43 -15.08
C LEU A 26 -15.09 11.99 -13.80
N ARG A 27 -15.32 10.68 -13.71
CA ARG A 27 -15.95 10.05 -12.52
C ARG A 27 -15.23 8.73 -12.28
N ILE A 28 -15.42 8.13 -11.11
CA ILE A 28 -14.96 6.78 -10.90
C ILE A 28 -16.15 5.91 -10.71
N ALA A 29 -15.97 4.60 -10.92
CA ALA A 29 -17.14 3.72 -10.94
C ALA A 29 -16.61 2.30 -10.59
N THR A 30 -17.50 1.44 -10.12
CA THR A 30 -17.14 0.05 -9.95
C THR A 30 -17.99 -0.82 -10.95
N LYS A 31 -17.54 -2.03 -11.24
CA LYS A 31 -18.29 -2.91 -12.12
C LYS A 31 -19.41 -3.55 -11.31
N ASN A 32 -20.62 -3.44 -11.85
CA ASN A 32 -21.78 -3.86 -11.09
C ASN A 32 -21.78 -5.38 -10.84
N LEU A 33 -21.68 -5.80 -9.58
CA LEU A 33 -21.82 -7.27 -9.29
C LEU A 33 -23.22 -7.79 -9.60
N VAL A 34 -24.22 -6.90 -9.58
CA VAL A 34 -25.62 -7.32 -9.83
C VAL A 34 -26.21 -6.45 -10.94
N PRO A 35 -25.79 -6.73 -12.19
CA PRO A 35 -26.11 -5.89 -13.33
C PRO A 35 -27.61 -5.75 -13.38
N GLY A 36 -28.09 -4.53 -13.61
CA GLY A 36 -29.53 -4.21 -13.53
C GLY A 36 -30.03 -3.62 -12.21
N GLN A 37 -29.19 -3.58 -11.18
CA GLN A 37 -29.65 -3.10 -9.87
C GLN A 37 -28.91 -1.86 -9.42
N ARG A 38 -29.66 -0.96 -8.78
CA ARG A 38 -29.20 0.36 -8.39
C ARG A 38 -29.45 0.56 -6.87
N VAL A 39 -28.39 0.87 -6.11
CA VAL A 39 -28.44 0.91 -4.62
C VAL A 39 -28.90 2.24 -3.97
N TYR A 40 -28.36 3.37 -4.43
CA TYR A 40 -28.69 4.67 -3.85
C TYR A 40 -28.98 5.76 -4.88
N GLY A 41 -29.73 5.38 -5.92
CA GLY A 41 -29.95 6.26 -7.06
C GLY A 41 -28.65 6.64 -7.76
N GLU A 42 -27.63 5.77 -7.71
CA GLU A 42 -26.37 6.12 -8.35
C GLU A 42 -26.66 6.02 -9.87
N ARG A 43 -25.83 6.64 -10.64
CA ARG A 43 -26.02 6.54 -12.06
C ARG A 43 -25.29 5.30 -12.51
N ILE A 44 -25.74 4.74 -13.64
CA ILE A 44 -25.27 3.47 -14.20
C ILE A 44 -24.82 3.76 -15.64
N PHE A 45 -23.71 3.14 -16.02
CA PHE A 45 -23.09 3.31 -17.31
C PHE A 45 -22.94 1.92 -17.93
N ARG A 46 -23.03 1.82 -19.27
CA ARG A 46 -22.66 0.62 -20.02
C ARG A 46 -21.53 0.91 -21.00
N TYR A 47 -20.52 0.05 -21.00
CA TYR A 47 -19.38 0.15 -21.92
C TYR A 47 -18.86 -1.22 -22.21
N ASN A 48 -18.63 -1.52 -23.50
CA ASN A 48 -18.07 -2.82 -23.94
C ASN A 48 -18.93 -3.92 -23.35
N GLY A 49 -20.21 -3.70 -23.29
CA GLY A 49 -21.09 -4.79 -22.92
C GLY A 49 -21.18 -5.09 -21.45
N GLU A 50 -20.62 -4.18 -20.63
CA GLU A 50 -20.62 -4.34 -19.17
C GLU A 50 -21.21 -3.13 -18.47
N GLU A 51 -21.75 -3.34 -17.27
CA GLU A 51 -22.44 -2.31 -16.54
C GLU A 51 -21.58 -1.88 -15.37
N TYR A 52 -21.50 -0.57 -15.21
CA TYR A 52 -20.69 0.07 -14.13
C TYR A 52 -21.62 0.96 -13.33
N ARG A 53 -21.28 1.13 -12.05
CA ARG A 53 -22.08 1.89 -11.15
C ARG A 53 -21.19 3.10 -10.76
N GLU A 54 -21.65 4.32 -11.02
CA GLU A 54 -20.92 5.48 -10.55
C GLU A 54 -20.68 5.42 -9.01
N TRP A 55 -19.45 5.68 -8.59
CA TRP A 55 -19.10 5.71 -7.22
C TRP A 55 -18.95 7.20 -6.84
N ASN A 56 -20.02 7.76 -6.30
CA ASN A 56 -20.08 9.24 -6.14
C ASN A 56 -19.37 9.61 -4.84
N ALA A 57 -18.23 10.32 -4.91
CA ALA A 57 -17.48 10.63 -3.75
C ALA A 57 -18.21 11.59 -2.81
N TYR A 58 -19.26 12.26 -3.29
CA TYR A 58 -20.07 13.10 -2.42
C TYR A 58 -21.04 12.31 -1.60
N ARG A 59 -21.16 11.00 -1.87
CA ARG A 59 -22.04 10.12 -1.07
C ARG A 59 -21.28 8.95 -0.39
N SER A 60 -19.98 8.88 -0.70
CA SER A 60 -19.19 7.78 -0.09
C SER A 60 -17.83 8.24 0.32
N LYS A 61 -17.56 8.09 1.62
CA LYS A 61 -16.27 8.61 2.10
C LYS A 61 -15.02 7.91 1.55
N LEU A 62 -15.17 6.62 1.22
CA LEU A 62 -14.00 5.91 0.64
C LEU A 62 -13.65 6.38 -0.74
N ALA A 63 -14.67 6.62 -1.58
CA ALA A 63 -14.43 7.17 -2.92
C ALA A 63 -13.82 8.57 -2.73
N ALA A 64 -14.37 9.37 -1.80
CA ALA A 64 -13.73 10.68 -1.49
C ALA A 64 -12.25 10.56 -1.13
N ALA A 65 -11.91 9.53 -0.33
CA ALA A 65 -10.52 9.40 0.11
C ALA A 65 -9.61 9.11 -1.08
N LEU A 66 -10.11 8.30 -2.04
CA LEU A 66 -9.27 7.98 -3.24
C LEU A 66 -9.05 9.24 -4.06
N LEU A 67 -10.12 10.00 -4.26
CA LEU A 67 -10.05 11.20 -5.12
C LEU A 67 -9.24 12.31 -4.44
N LYS A 68 -9.11 12.25 -3.09
CA LYS A 68 -8.27 13.17 -2.35
C LYS A 68 -6.79 12.68 -2.19
N GLY A 69 -6.47 11.55 -2.77
CA GLY A 69 -5.06 11.10 -2.86
C GLY A 69 -4.66 10.04 -1.85
N LEU A 70 -5.63 9.33 -1.27
CA LEU A 70 -5.26 8.21 -0.43
C LEU A 70 -4.22 7.34 -1.23
N ILE A 71 -3.17 6.88 -0.53
CA ILE A 71 -1.96 6.35 -1.21
C ILE A 71 -2.20 5.11 -2.09
N GLU A 72 -3.22 4.29 -1.74
CA GLU A 72 -3.52 2.98 -2.44
C GLU A 72 -4.93 2.65 -2.02
N LEU A 73 -5.57 1.79 -2.81
CA LEU A 73 -6.84 1.19 -2.42
C LEU A 73 -6.57 -0.19 -1.84
N PRO A 74 -6.72 -0.35 -0.49
CA PRO A 74 -6.37 -1.65 0.05
C PRO A 74 -7.44 -2.70 -0.10
N VAL A 75 -8.66 -2.30 -0.51
CA VAL A 75 -9.77 -3.24 -0.69
C VAL A 75 -9.51 -3.98 -2.03
N LYS A 76 -9.39 -5.31 -1.95
CA LYS A 76 -9.02 -6.19 -3.07
C LYS A 76 -10.01 -7.31 -3.34
N GLU A 77 -10.02 -7.76 -4.61
CA GLU A 77 -10.78 -8.95 -4.97
C GLU A 77 -10.60 -10.07 -3.96
N GLY A 78 -11.73 -10.61 -3.51
CA GLY A 78 -11.74 -11.72 -2.49
C GLY A 78 -11.59 -11.42 -1.01
N ASP A 79 -11.38 -10.14 -0.68
CA ASP A 79 -11.20 -9.76 0.70
C ASP A 79 -12.46 -10.09 1.53
N ARG A 80 -12.20 -10.42 2.78
CA ARG A 80 -13.21 -10.46 3.81
C ARG A 80 -12.99 -9.17 4.63
N ILE A 81 -14.07 -8.40 4.84
CA ILE A 81 -13.99 -7.06 5.41
C ILE A 81 -14.97 -6.94 6.57
N LEU A 82 -14.49 -6.43 7.70
CA LEU A 82 -15.42 -6.13 8.77
C LEU A 82 -15.74 -4.62 8.62
N TYR A 83 -17.01 -4.34 8.45
CA TYR A 83 -17.46 -2.95 8.21
C TYR A 83 -18.32 -2.47 9.37
N LEU A 84 -17.77 -1.54 10.16
CA LEU A 84 -18.43 -1.03 11.35
C LEU A 84 -19.22 0.19 10.93
N GLY A 85 -20.55 0.11 11.02
CA GLY A 85 -21.37 1.28 10.68
C GLY A 85 -21.81 1.28 9.22
N ILE A 86 -22.29 0.13 8.73
CA ILE A 86 -22.49 -0.10 7.31
C ILE A 86 -23.69 0.77 6.83
N ALA A 87 -24.59 1.13 7.76
CA ALA A 87 -25.78 1.93 7.40
C ALA A 87 -26.61 1.22 6.30
N SER A 88 -27.07 1.93 5.27
CA SER A 88 -27.87 1.27 4.22
C SER A 88 -27.05 0.73 3.02
N GLY A 89 -25.73 0.66 3.16
CA GLY A 89 -24.95 -0.07 2.19
C GLY A 89 -24.34 0.74 1.05
N THR A 90 -24.45 2.07 1.09
CA THR A 90 -23.84 2.91 0.05
C THR A 90 -22.37 2.58 -0.30
N THR A 91 -21.47 2.71 0.68
CA THR A 91 -20.06 2.45 0.43
C THR A 91 -19.86 0.93 0.36
N ALA A 92 -20.57 0.19 1.21
CA ALA A 92 -20.39 -1.29 1.17
C ALA A 92 -20.78 -1.86 -0.20
N SER A 93 -21.71 -1.23 -0.91
CA SER A 93 -22.10 -1.83 -2.19
C SER A 93 -20.92 -1.79 -3.16
N HIS A 94 -20.18 -0.68 -3.14
CA HIS A 94 -18.99 -0.62 -3.96
C HIS A 94 -17.88 -1.55 -3.47
N MET A 95 -17.73 -1.73 -2.18
CA MET A 95 -16.76 -2.74 -1.69
C MET A 95 -17.19 -4.11 -2.24
N SER A 96 -18.50 -4.39 -2.20
CA SER A 96 -19.07 -5.66 -2.68
C SER A 96 -18.74 -5.85 -4.17
N ASP A 97 -18.89 -4.78 -4.99
CA ASP A 97 -18.44 -4.88 -6.39
C ASP A 97 -16.96 -5.32 -6.53
N ILE A 98 -16.06 -4.67 -5.78
CA ILE A 98 -14.61 -4.88 -5.92
C ILE A 98 -14.20 -6.24 -5.45
N ILE A 99 -14.72 -6.62 -4.29
CA ILE A 99 -14.29 -7.90 -3.69
C ILE A 99 -14.81 -9.10 -4.43
N GLY A 100 -15.95 -8.93 -5.13
CA GLY A 100 -16.50 -9.99 -6.00
C GLY A 100 -17.13 -11.12 -5.19
N PRO A 101 -17.58 -12.19 -5.87
CA PRO A 101 -18.36 -13.30 -5.24
C PRO A 101 -17.68 -14.08 -4.13
N ARG A 102 -16.33 -14.16 -4.16
CA ARG A 102 -15.58 -14.84 -3.10
C ARG A 102 -15.18 -13.97 -1.86
N GLY A 103 -15.43 -12.67 -1.94
CA GLY A 103 -15.24 -11.82 -0.78
C GLY A 103 -16.47 -11.78 0.11
N ARG A 104 -16.33 -11.14 1.24
CA ARG A 104 -17.46 -10.92 2.12
C ARG A 104 -17.31 -9.56 2.80
N ILE A 105 -18.41 -8.86 2.95
CA ILE A 105 -18.44 -7.75 3.90
C ILE A 105 -19.36 -8.09 5.06
N TYR A 106 -18.79 -8.10 6.26
CA TYR A 106 -19.59 -8.33 7.43
C TYR A 106 -19.98 -6.95 7.90
N GLY A 107 -21.27 -6.63 7.77
CA GLY A 107 -21.70 -5.26 7.99
C GLY A 107 -22.42 -5.09 9.29
N VAL A 108 -21.76 -4.44 10.24
CA VAL A 108 -22.32 -4.18 11.57
C VAL A 108 -23.07 -2.85 11.61
N GLU A 109 -24.29 -2.88 12.11
CA GLU A 109 -25.16 -1.71 12.14
C GLU A 109 -26.11 -1.94 13.29
N PHE A 110 -26.25 -0.94 14.16
CA PHE A 110 -27.08 -1.12 15.41
C PHE A 110 -28.53 -0.61 15.39
N ALA A 111 -28.91 0.13 14.34
CA ALA A 111 -30.28 0.68 14.26
C ALA A 111 -31.15 -0.25 13.44
N PRO A 112 -32.18 -0.88 14.08
CA PRO A 112 -33.14 -1.71 13.31
C PRO A 112 -33.71 -1.09 12.06
N ARG A 113 -34.06 0.19 12.08
CA ARG A 113 -34.67 0.81 10.88
C ARG A 113 -33.66 0.93 9.74
N VAL A 114 -32.39 1.12 10.09
CA VAL A 114 -31.32 1.23 9.06
C VAL A 114 -31.03 -0.18 8.53
N MET A 115 -31.00 -1.16 9.43
CA MET A 115 -30.87 -2.56 9.03
C MET A 115 -31.93 -3.00 7.99
N ARG A 116 -33.20 -2.67 8.23
CA ARG A 116 -34.29 -2.99 7.30
C ARG A 116 -34.01 -2.43 5.93
N ASP A 117 -33.56 -1.16 5.92
CA ASP A 117 -33.20 -0.49 4.70
C ASP A 117 -32.09 -1.24 3.99
N LEU A 118 -31.01 -1.53 4.73
CA LEU A 118 -29.90 -2.32 4.20
C LEU A 118 -30.36 -3.67 3.68
N LEU A 119 -31.29 -4.33 4.37
CA LEU A 119 -31.74 -5.66 3.91
C LEU A 119 -32.42 -5.57 2.55
N THR A 120 -32.97 -4.38 2.29
CA THR A 120 -33.84 -4.07 1.15
C THR A 120 -33.03 -3.54 -0.02
N VAL A 121 -31.87 -2.94 0.30
CA VAL A 121 -30.83 -2.52 -0.66
C VAL A 121 -29.89 -3.70 -1.05
N VAL A 122 -29.70 -4.64 -0.12
CA VAL A 122 -28.69 -5.69 -0.31
C VAL A 122 -29.23 -7.10 -0.36
N ARG A 123 -30.52 -7.20 -0.72
CA ARG A 123 -31.22 -8.48 -0.83
C ARG A 123 -30.72 -9.37 -2.00
N ASP A 124 -30.09 -8.79 -2.99
CA ASP A 124 -29.55 -9.59 -4.09
C ASP A 124 -28.01 -9.57 -4.10
N ARG A 125 -27.40 -8.94 -3.10
CA ARG A 125 -25.90 -8.96 -3.04
C ARG A 125 -25.48 -9.92 -1.99
N ARG A 126 -25.13 -11.11 -2.42
CA ARG A 126 -24.98 -12.17 -1.49
C ARG A 126 -23.59 -12.28 -0.88
N ASN A 127 -22.73 -11.30 -1.15
CA ASN A 127 -21.44 -11.26 -0.50
C ASN A 127 -21.46 -10.21 0.60
N ILE A 128 -22.64 -9.66 0.91
CA ILE A 128 -22.78 -8.82 2.08
C ILE A 128 -23.55 -9.55 3.18
N PHE A 129 -22.95 -9.57 4.39
CA PHE A 129 -23.49 -10.32 5.55
C PHE A 129 -23.80 -9.34 6.67
N PRO A 130 -25.07 -8.88 6.75
CA PRO A 130 -25.39 -7.87 7.77
C PRO A 130 -25.46 -8.56 9.16
N ILE A 131 -24.95 -7.81 10.14
CA ILE A 131 -24.94 -8.17 11.54
C ILE A 131 -25.64 -7.02 12.32
N LEU A 132 -26.78 -7.33 12.94
CA LEU A 132 -27.44 -6.32 13.82
C LEU A 132 -26.76 -6.31 15.17
N GLY A 133 -25.98 -5.30 15.42
CA GLY A 133 -25.31 -5.27 16.70
C GLY A 133 -24.59 -4.00 16.88
N ASP A 134 -24.19 -3.76 18.12
CA ASP A 134 -23.49 -2.60 18.48
C ASP A 134 -22.00 -2.91 18.36
N ALA A 135 -21.30 -2.11 17.55
CA ALA A 135 -19.85 -2.31 17.32
C ALA A 135 -19.04 -2.18 18.62
N ARG A 136 -19.61 -1.63 19.70
CA ARG A 136 -18.84 -1.56 20.96
C ARG A 136 -18.66 -2.92 21.60
N PHE A 137 -19.49 -3.88 21.21
CA PHE A 137 -19.54 -5.20 21.92
C PHE A 137 -19.24 -6.33 20.93
N PRO A 138 -18.02 -6.39 20.41
CA PRO A 138 -17.77 -7.39 19.34
C PRO A 138 -17.83 -8.84 19.87
N GLU A 139 -17.72 -9.00 21.18
CA GLU A 139 -17.87 -10.36 21.74
C GLU A 139 -19.25 -10.98 21.40
N LYS A 140 -20.27 -10.15 21.27
CA LYS A 140 -21.62 -10.62 21.02
C LYS A 140 -21.78 -11.06 19.57
N TYR A 141 -20.84 -10.69 18.68
CA TYR A 141 -20.90 -11.19 17.29
C TYR A 141 -19.65 -11.95 16.84
N ARG A 142 -18.78 -12.29 17.79
CA ARG A 142 -17.59 -13.10 17.52
C ARG A 142 -17.91 -14.40 16.79
N HIS A 143 -19.11 -14.94 17.00
CA HIS A 143 -19.44 -16.21 16.39
C HIS A 143 -19.89 -16.06 14.92
N LEU A 144 -20.08 -14.82 14.51
CA LEU A 144 -20.62 -14.55 13.18
C LEU A 144 -19.56 -13.98 12.21
N VAL A 145 -18.39 -13.68 12.74
CA VAL A 145 -17.36 -12.96 11.98
C VAL A 145 -16.06 -13.70 12.06
N GLU A 146 -15.58 -14.16 10.91
CA GLU A 146 -14.27 -14.80 10.80
C GLU A 146 -13.15 -13.76 10.76
N GLY A 147 -11.90 -14.23 10.65
CA GLY A 147 -10.74 -13.38 10.39
C GLY A 147 -11.00 -12.49 9.16
N VAL A 148 -10.66 -11.23 9.28
CA VAL A 148 -10.86 -10.35 8.14
C VAL A 148 -9.56 -9.77 7.60
N ASP A 149 -9.56 -9.49 6.32
CA ASP A 149 -8.42 -8.86 5.66
C ASP A 149 -8.35 -7.38 5.95
N GLY A 150 -9.51 -6.77 6.24
CA GLY A 150 -9.56 -5.32 6.47
C GLY A 150 -10.73 -4.96 7.40
N LEU A 151 -10.62 -3.81 7.99
CA LEU A 151 -11.63 -3.29 8.95
C LEU A 151 -11.87 -1.86 8.49
N TYR A 152 -13.14 -1.55 8.18
CA TYR A 152 -13.51 -0.25 7.75
C TYR A 152 -14.53 0.28 8.79
N ALA A 153 -14.30 1.50 9.28
CA ALA A 153 -15.09 2.00 10.43
C ALA A 153 -15.61 3.37 10.10
N ASP A 154 -16.93 3.53 10.18
CA ASP A 154 -17.56 4.83 10.03
C ASP A 154 -18.81 4.86 10.90
N VAL A 155 -18.65 4.80 12.22
CA VAL A 155 -19.90 4.76 13.09
C VAL A 155 -20.40 6.15 13.58
N ALA A 156 -19.62 7.18 13.27
CA ALA A 156 -20.01 8.57 13.62
C ALA A 156 -20.27 8.67 15.13
N GLN A 157 -19.33 8.16 15.92
CA GLN A 157 -19.42 8.19 17.38
C GLN A 157 -18.07 8.68 17.87
N PRO A 158 -18.05 9.49 18.95
CA PRO A 158 -16.82 9.84 19.61
C PRO A 158 -16.15 8.56 20.02
N GLU A 159 -14.83 8.60 20.16
CA GLU A 159 -14.06 7.46 20.67
C GLU A 159 -14.26 6.21 19.83
N GLN A 160 -14.28 6.48 18.54
CA GLN A 160 -14.33 5.41 17.57
C GLN A 160 -13.06 4.56 17.56
N ALA A 161 -11.89 5.18 17.87
CA ALA A 161 -10.65 4.45 17.79
C ALA A 161 -10.64 3.27 18.78
N ALA A 162 -11.16 3.46 19.99
CA ALA A 162 -11.30 2.35 20.97
C ALA A 162 -12.18 1.23 20.44
N ILE A 163 -13.26 1.59 19.73
CA ILE A 163 -14.16 0.57 19.14
C ILE A 163 -13.37 -0.19 18.06
N VAL A 164 -12.65 0.60 17.23
CA VAL A 164 -11.78 -0.03 16.20
C VAL A 164 -10.78 -0.99 16.79
N VAL A 165 -10.05 -0.55 17.84
CA VAL A 165 -8.99 -1.43 18.40
C VAL A 165 -9.58 -2.73 18.92
N ARG A 166 -10.72 -2.62 19.60
CA ARG A 166 -11.40 -3.77 20.21
C ARG A 166 -11.82 -4.79 19.16
N ASN A 167 -12.48 -4.28 18.11
CA ASN A 167 -12.79 -5.15 16.98
C ASN A 167 -11.51 -5.73 16.29
N ALA A 168 -10.48 -4.93 16.13
CA ALA A 168 -9.30 -5.43 15.42
C ALA A 168 -8.70 -6.58 16.22
N ARG A 169 -8.64 -6.43 17.55
CA ARG A 169 -8.07 -7.55 18.39
C ARG A 169 -8.78 -8.88 18.20
N PHE A 170 -10.11 -8.83 18.07
CA PHE A 170 -10.90 -10.01 17.82
C PHE A 170 -10.76 -10.57 16.41
N PHE A 171 -10.65 -9.73 15.41
CA PHE A 171 -10.93 -10.18 14.02
C PHE A 171 -9.86 -9.89 12.94
N LEU A 172 -9.06 -8.86 13.12
CA LEU A 172 -8.28 -8.38 12.00
C LEU A 172 -7.00 -9.23 11.84
N ARG A 173 -6.80 -9.75 10.64
CA ARG A 173 -5.58 -10.56 10.36
C ARG A 173 -4.34 -9.74 10.58
N ASP A 174 -3.24 -10.45 10.84
CA ASP A 174 -1.92 -9.86 10.87
C ASP A 174 -1.68 -9.14 9.51
N GLY A 175 -1.35 -7.85 9.58
CA GLY A 175 -1.13 -6.97 8.44
C GLY A 175 -2.41 -6.48 7.77
N GLY A 176 -3.58 -6.86 8.32
CA GLY A 176 -4.86 -6.38 7.78
C GLY A 176 -4.90 -4.84 7.78
N TYR A 177 -5.64 -4.27 6.85
CA TYR A 177 -5.76 -2.82 6.80
C TYR A 177 -6.91 -2.30 7.64
N MET A 178 -6.80 -1.05 8.09
CA MET A 178 -7.86 -0.42 8.88
C MET A 178 -8.09 0.94 8.27
N LEU A 179 -9.32 1.17 7.81
CA LEU A 179 -9.68 2.49 7.31
C LEU A 179 -10.73 3.02 8.25
N MET A 180 -10.48 4.22 8.73
CA MET A 180 -11.40 4.87 9.76
C MET A 180 -11.76 6.32 9.32
N ALA A 181 -13.04 6.56 9.10
CA ALA A 181 -13.52 7.94 8.91
C ALA A 181 -13.58 8.64 10.27
N ILE A 182 -12.87 9.76 10.40
CA ILE A 182 -12.78 10.50 11.64
C ILE A 182 -13.29 11.95 11.41
N LYS A 183 -14.04 12.49 12.40
CA LYS A 183 -14.40 13.90 12.37
C LYS A 183 -13.14 14.69 12.44
N ALA A 184 -12.92 15.58 11.47
CA ALA A 184 -11.71 16.33 11.39
C ALA A 184 -11.94 17.56 10.50
N ARG A 185 -11.29 18.66 10.90
CA ARG A 185 -11.28 19.87 10.06
C ARG A 185 -10.07 19.84 9.15
N SER A 186 -10.08 20.64 8.09
CA SER A 186 -8.94 20.61 7.19
C SER A 186 -7.66 20.84 8.04
N ILE A 187 -7.73 21.81 8.96
CA ILE A 187 -6.55 22.19 9.78
C ILE A 187 -6.02 21.06 10.67
N ASP A 188 -6.88 20.13 11.04
CA ASP A 188 -6.38 18.96 11.80
C ASP A 188 -5.37 18.12 11.00
N VAL A 189 -5.58 18.04 9.69
CA VAL A 189 -4.73 17.29 8.78
C VAL A 189 -3.54 18.10 8.38
N THR A 190 -3.74 19.38 8.06
CA THR A 190 -2.67 20.12 7.35
C THR A 190 -1.79 20.88 8.27
N THR A 191 -2.26 21.17 9.49
CA THR A 191 -1.61 22.19 10.28
C THR A 191 -1.15 21.70 11.64
N GLU A 192 -2.11 21.35 12.49
CA GLU A 192 -1.78 20.71 13.78
C GLU A 192 -3.06 20.08 14.30
N PRO A 193 -3.00 18.81 14.72
CA PRO A 193 -4.19 18.10 15.16
C PRO A 193 -4.73 18.64 16.51
N SER A 194 -6.03 18.77 16.57
CA SER A 194 -6.78 19.14 17.76
C SER A 194 -6.62 18.06 18.84
N GLU A 195 -7.06 18.38 20.05
CA GLU A 195 -6.97 17.47 21.17
C GLU A 195 -7.71 16.16 20.90
N VAL A 196 -8.96 16.23 20.50
CA VAL A 196 -9.78 15.03 20.35
C VAL A 196 -9.22 14.12 19.22
N TYR A 197 -8.86 14.77 18.10
CA TYR A 197 -8.21 14.05 16.98
C TYR A 197 -6.92 13.36 17.38
N LYS A 198 -5.97 14.12 17.94
CA LYS A 198 -4.72 13.52 18.43
C LYS A 198 -4.89 12.25 19.30
N ARG A 199 -5.90 12.27 20.15
CA ARG A 199 -6.17 11.20 21.08
C ARG A 199 -6.72 9.97 20.34
N GLU A 200 -7.61 10.18 19.35
CA GLU A 200 -8.02 9.04 18.47
C GLU A 200 -6.81 8.42 17.86
N ILE A 201 -5.90 9.22 17.32
CA ILE A 201 -4.75 8.63 16.60
C ILE A 201 -3.89 7.86 17.61
N LYS A 202 -3.74 8.41 18.82
CA LYS A 202 -2.88 7.76 19.79
C LYS A 202 -3.48 6.41 20.22
N THR A 203 -4.80 6.40 20.32
CA THR A 203 -5.54 5.16 20.68
C THR A 203 -5.26 4.08 19.64
N LEU A 204 -5.23 4.47 18.34
CA LEU A 204 -4.96 3.52 17.30
C LEU A 204 -3.53 3.01 17.46
N MET A 205 -2.60 3.94 17.69
CA MET A 205 -1.17 3.61 17.74
C MET A 205 -0.88 2.76 18.96
N ASP A 206 -1.45 3.18 20.10
CA ASP A 206 -1.39 2.33 21.33
C ASP A 206 -2.02 0.95 21.14
N GLY A 207 -2.94 0.81 20.18
CA GLY A 207 -3.53 -0.50 19.83
C GLY A 207 -2.74 -1.31 18.82
N GLY A 208 -1.52 -0.89 18.48
CA GLY A 208 -0.67 -1.64 17.55
C GLY A 208 -0.90 -1.32 16.09
N LEU A 209 -1.67 -0.28 15.80
CA LEU A 209 -1.97 0.12 14.40
C LEU A 209 -0.98 1.20 14.07
N GLU A 210 -0.39 1.15 12.89
CA GLU A 210 0.50 2.25 12.56
C GLU A 210 -0.09 3.01 11.41
N ILE A 211 -0.07 4.34 11.51
CA ILE A 211 -0.76 5.13 10.52
C ILE A 211 0.04 5.22 9.22
N LYS A 212 -0.54 4.81 8.10
CA LYS A 212 0.11 4.83 6.82
C LYS A 212 -0.23 6.06 6.01
N ASP A 213 -1.46 6.55 6.16
CA ASP A 213 -1.89 7.73 5.39
C ASP A 213 -3.10 8.37 6.08
N VAL A 214 -3.27 9.68 5.87
CA VAL A 214 -4.46 10.38 6.33
C VAL A 214 -4.77 11.39 5.25
N VAL A 215 -6.02 11.42 4.77
CA VAL A 215 -6.40 12.45 3.84
C VAL A 215 -7.69 13.12 4.32
N HIS A 216 -7.71 14.46 4.27
CA HIS A 216 -8.96 15.13 4.51
C HIS A 216 -9.91 15.00 3.30
N LEU A 217 -11.23 14.97 3.52
CA LEU A 217 -12.17 14.68 2.48
C LEU A 217 -12.85 15.88 1.83
N ASP A 218 -12.47 17.09 2.25
CA ASP A 218 -13.12 18.26 1.70
C ASP A 218 -12.85 18.35 0.19
N PRO A 219 -13.88 18.73 -0.63
CA PRO A 219 -15.24 19.14 -0.26
C PRO A 219 -16.25 18.04 -0.33
N PHE A 220 -15.81 16.83 -0.67
CA PHE A 220 -16.74 15.68 -0.74
C PHE A 220 -17.40 15.42 0.60
N ASP A 221 -16.61 15.55 1.65
CA ASP A 221 -17.12 15.63 3.02
C ASP A 221 -16.27 16.64 3.78
N ARG A 222 -16.88 17.76 4.19
CA ARG A 222 -16.12 18.87 4.74
C ARG A 222 -15.68 18.63 6.17
N ASP A 223 -16.28 17.62 6.79
CA ASP A 223 -16.08 17.44 8.22
C ASP A 223 -15.33 16.17 8.64
N HIS A 224 -14.74 15.45 7.70
CA HIS A 224 -14.07 14.17 8.00
C HIS A 224 -12.75 14.00 7.25
N ALA A 225 -11.88 13.16 7.79
CA ALA A 225 -10.70 12.69 7.10
C ALA A 225 -10.83 11.18 7.08
N MET A 226 -10.07 10.54 6.23
CA MET A 226 -9.91 9.07 6.25
C MET A 226 -8.53 8.66 6.75
N ILE A 227 -8.51 7.89 7.85
CA ILE A 227 -7.23 7.43 8.41
C ILE A 227 -7.01 6.02 7.86
N TYR A 228 -5.79 5.75 7.39
CA TYR A 228 -5.45 4.43 6.85
C TYR A 228 -4.27 3.87 7.65
N ALA A 229 -4.45 2.71 8.28
CA ALA A 229 -3.41 2.15 9.14
C ALA A 229 -3.27 0.64 8.87
N VAL A 230 -2.11 0.06 9.19
CA VAL A 230 -1.83 -1.39 8.98
C VAL A 230 -1.04 -1.89 10.23
N MET B 1 13.67 7.12 21.12
CA MET B 1 14.16 5.72 21.00
C MET B 1 13.07 4.69 21.35
N VAL B 2 13.23 3.47 20.84
CA VAL B 2 12.37 2.33 21.20
C VAL B 2 13.20 1.26 21.96
N GLU B 3 12.65 0.70 23.05
CA GLU B 3 13.36 -0.34 23.81
C GLU B 3 13.17 -1.71 23.16
N VAL B 4 14.28 -2.42 22.99
CA VAL B 4 14.26 -3.76 22.40
C VAL B 4 14.82 -4.73 23.45
N VAL B 5 14.46 -6.01 23.36
CA VAL B 5 15.02 -7.05 24.25
C VAL B 5 16.22 -7.81 23.68
N SER B 6 16.33 -7.89 22.35
CA SER B 6 17.51 -8.48 21.72
C SER B 6 17.70 -7.99 20.30
N VAL B 7 18.92 -8.03 19.83
CA VAL B 7 19.18 -7.63 18.44
C VAL B 7 20.18 -8.64 18.04
N SER B 8 19.93 -9.37 16.95
CA SER B 8 20.95 -10.28 16.47
C SER B 8 21.02 -10.26 14.95
N ARG B 9 22.21 -10.38 14.37
CA ARG B 9 22.26 -10.40 12.88
C ARG B 9 21.56 -11.65 12.32
N HIS B 10 20.87 -11.49 11.18
CA HIS B 10 20.22 -12.61 10.49
C HIS B 10 21.30 -13.55 9.98
N ASP B 11 21.00 -14.86 9.94
CA ASP B 11 22.00 -15.84 9.45
C ASP B 11 22.35 -15.71 7.98
N ARG B 12 21.40 -15.27 7.17
CA ARG B 12 21.65 -15.20 5.74
C ARG B 12 21.66 -13.75 5.17
N TRP B 13 20.81 -12.89 5.70
CA TRP B 13 20.72 -11.52 5.11
C TRP B 13 21.73 -10.70 5.88
N ARG B 14 22.98 -10.70 5.40
CA ARG B 14 24.05 -10.05 6.16
C ARG B 14 23.80 -8.53 6.17
N GLY B 15 24.07 -7.91 7.32
CA GLY B 15 23.77 -6.44 7.51
C GLY B 15 22.31 -6.18 7.85
N VAL B 16 21.52 -7.26 7.97
CA VAL B 16 20.12 -7.20 8.46
C VAL B 16 20.04 -7.86 9.84
N TYR B 17 19.35 -7.19 10.75
CA TYR B 17 19.26 -7.66 12.13
C TYR B 17 17.83 -7.92 12.51
N VAL B 18 17.65 -8.98 13.28
CA VAL B 18 16.33 -9.33 13.80
C VAL B 18 16.25 -8.75 15.22
N VAL B 19 15.22 -7.99 15.46
CA VAL B 19 15.04 -7.23 16.68
C VAL B 19 13.76 -7.79 17.34
N GLU B 20 13.88 -8.11 18.63
CA GLU B 20 12.70 -8.50 19.39
C GLU B 20 12.29 -7.36 20.31
N LEU B 21 11.03 -6.93 20.21
CA LEU B 21 10.56 -5.80 21.02
C LEU B 21 10.00 -6.35 22.32
N GLU B 22 9.71 -5.48 23.29
CA GLU B 22 9.24 -5.98 24.61
C GLU B 22 7.95 -6.83 24.52
N ASP B 23 7.04 -6.54 23.58
CA ASP B 23 5.80 -7.36 23.45
C ASP B 23 6.05 -8.77 22.86
N GLY B 24 7.28 -9.04 22.44
CA GLY B 24 7.63 -10.37 21.95
C GLY B 24 7.65 -10.42 20.42
N SER B 25 7.11 -9.36 19.80
CA SER B 25 7.01 -9.27 18.34
C SER B 25 8.37 -8.92 17.74
N LEU B 26 8.55 -9.23 16.45
CA LEU B 26 9.83 -9.02 15.77
C LEU B 26 9.78 -7.88 14.74
N ARG B 27 10.93 -7.24 14.54
CA ARG B 27 11.14 -6.30 13.42
C ARG B 27 12.50 -6.65 12.83
N ILE B 28 12.75 -6.24 11.60
CA ILE B 28 14.14 -6.32 11.11
C ILE B 28 14.67 -4.90 11.02
N ALA B 29 16.00 -4.76 10.94
CA ALA B 29 16.58 -3.44 11.02
C ALA B 29 17.93 -3.50 10.35
N THR B 30 18.46 -2.33 9.97
CA THR B 30 19.85 -2.30 9.51
C THR B 30 20.64 -1.44 10.55
N LYS B 31 21.96 -1.53 10.49
CA LYS B 31 22.84 -0.71 11.34
C LYS B 31 23.03 0.71 10.76
N ASN B 32 22.67 1.74 11.57
CA ASN B 32 22.58 3.10 11.06
C ASN B 32 23.93 3.63 10.62
N LEU B 33 24.09 3.85 9.32
CA LEU B 33 25.34 4.45 8.84
C LEU B 33 25.52 5.90 9.34
N VAL B 34 24.41 6.60 9.61
CA VAL B 34 24.50 8.03 10.03
C VAL B 34 23.74 8.08 11.36
N PRO B 35 24.38 7.68 12.49
CA PRO B 35 23.67 7.75 13.79
C PRO B 35 22.94 9.06 14.01
N GLY B 36 21.71 8.98 14.52
CA GLY B 36 20.97 10.22 14.79
C GLY B 36 20.12 10.67 13.59
N GLN B 37 20.37 10.12 12.41
CA GLN B 37 19.50 10.44 11.27
C GLN B 37 18.30 9.48 11.17
N ARG B 38 17.13 10.05 10.93
CA ARG B 38 15.92 9.31 10.68
C ARG B 38 15.38 9.75 9.29
N VAL B 39 15.02 8.78 8.44
CA VAL B 39 14.69 9.04 7.04
C VAL B 39 13.22 9.19 6.73
N TYR B 40 12.39 8.33 7.31
CA TYR B 40 10.97 8.33 6.99
C TYR B 40 10.15 8.06 8.22
N GLY B 41 10.67 8.48 9.39
CA GLY B 41 9.93 8.31 10.68
C GLY B 41 10.01 6.92 11.28
N GLU B 42 10.98 6.13 10.83
CA GLU B 42 11.20 4.78 11.35
C GLU B 42 11.68 4.83 12.80
N ARG B 43 11.39 3.78 13.54
CA ARG B 43 11.92 3.59 14.88
C ARG B 43 13.43 3.42 14.85
N ILE B 44 14.10 3.91 15.90
CA ILE B 44 15.55 3.76 16.08
C ILE B 44 15.80 3.03 17.41
N PHE B 45 16.64 1.99 17.35
CA PHE B 45 17.04 1.17 18.52
C PHE B 45 18.53 1.38 18.88
N ARG B 46 18.93 1.30 20.15
CA ARG B 46 20.34 1.24 20.55
C ARG B 46 20.62 -0.10 21.27
N TYR B 47 21.67 -0.83 20.88
CA TYR B 47 21.94 -2.12 21.49
C TYR B 47 23.42 -2.36 21.37
N ASN B 48 24.07 -2.65 22.51
CA ASN B 48 25.52 -2.95 22.52
C ASN B 48 26.33 -1.81 21.97
N GLY B 49 25.91 -0.59 22.28
CA GLY B 49 26.63 0.62 21.90
C GLY B 49 26.51 0.97 20.42
N GLU B 50 25.47 0.44 19.77
CA GLU B 50 25.26 0.69 18.33
C GLU B 50 23.82 0.98 18.03
N GLU B 51 23.59 1.87 17.04
CA GLU B 51 22.31 2.34 16.68
C GLU B 51 21.82 1.61 15.42
N TYR B 52 20.56 1.16 15.50
CA TYR B 52 19.85 0.41 14.43
C TYR B 52 18.61 1.17 13.99
N ARG B 53 18.23 1.04 12.71
CA ARG B 53 17.04 1.68 12.17
C ARG B 53 16.09 0.59 11.79
N GLU B 54 14.91 0.64 12.36
CA GLU B 54 13.86 -0.29 11.93
C GLU B 54 13.69 -0.24 10.40
N TRP B 55 13.66 -1.41 9.75
CA TRP B 55 13.41 -1.49 8.33
C TRP B 55 11.93 -1.97 8.19
N ASN B 56 11.01 -1.06 8.02
CA ASN B 56 9.62 -1.37 8.14
C ASN B 56 9.13 -2.03 6.90
N ALA B 57 8.67 -3.27 6.99
CA ALA B 57 8.29 -3.98 5.76
C ALA B 57 6.96 -3.51 5.20
N TYR B 58 6.17 -2.77 5.98
CA TYR B 58 4.94 -2.13 5.45
C TYR B 58 5.23 -0.81 4.75
N ARG B 59 6.48 -0.45 4.73
CA ARG B 59 6.92 0.72 3.97
C ARG B 59 7.90 0.46 2.82
N SER B 60 8.67 -0.61 2.89
CA SER B 60 9.75 -0.82 1.94
C SER B 60 9.56 -2.18 1.31
N LYS B 61 9.42 -2.19 -0.04
CA LYS B 61 9.09 -3.44 -0.75
C LYS B 61 10.24 -4.46 -0.62
N LEU B 62 11.49 -4.00 -0.61
CA LEU B 62 12.59 -5.00 -0.36
C LEU B 62 12.59 -5.69 1.01
N ALA B 63 12.25 -4.97 2.08
CA ALA B 63 12.08 -5.59 3.38
C ALA B 63 10.92 -6.62 3.33
N ALA B 64 9.83 -6.22 2.69
CA ALA B 64 8.73 -7.17 2.50
C ALA B 64 9.12 -8.40 1.77
N ALA B 65 9.96 -8.27 0.77
CA ALA B 65 10.33 -9.44 -0.10
C ALA B 65 11.13 -10.45 0.74
N LEU B 66 12.04 -9.95 1.57
CA LEU B 66 12.81 -10.78 2.54
C LEU B 66 11.84 -11.51 3.51
N LEU B 67 10.91 -10.80 4.15
CA LEU B 67 10.00 -11.42 5.08
C LEU B 67 9.16 -12.45 4.37
N LYS B 68 8.82 -12.21 3.11
CA LYS B 68 7.93 -13.13 2.41
C LYS B 68 8.64 -14.31 1.70
N GLY B 69 9.98 -14.32 1.69
CA GLY B 69 10.70 -15.49 1.24
C GLY B 69 11.65 -15.31 0.07
N LEU B 70 11.93 -14.08 -0.36
CA LEU B 70 13.00 -13.90 -1.33
C LEU B 70 14.18 -14.82 -0.97
N ILE B 71 14.70 -15.53 -1.98
CA ILE B 71 15.61 -16.65 -1.70
C ILE B 71 16.95 -16.17 -1.12
N GLU B 72 17.29 -14.90 -1.35
CA GLU B 72 18.53 -14.33 -0.77
C GLU B 72 18.44 -12.82 -0.77
N LEU B 73 19.27 -12.21 0.08
CA LEU B 73 19.51 -10.77 -0.01
C LEU B 73 20.73 -10.46 -0.94
N PRO B 74 20.49 -9.97 -2.18
CA PRO B 74 21.60 -9.80 -3.12
C PRO B 74 22.40 -8.54 -2.78
N VAL B 75 21.81 -7.59 -2.05
CA VAL B 75 22.48 -6.35 -1.66
C VAL B 75 23.54 -6.68 -0.59
N LYS B 76 24.81 -6.36 -0.89
CA LYS B 76 26.00 -6.83 -0.10
C LYS B 76 26.90 -5.63 0.16
N GLU B 77 27.69 -5.71 1.24
CA GLU B 77 28.62 -4.65 1.60
C GLU B 77 29.50 -4.37 0.38
N GLY B 78 29.76 -3.10 0.11
CA GLY B 78 30.56 -2.71 -1.04
C GLY B 78 29.86 -2.56 -2.39
N ASP B 79 28.63 -3.07 -2.55
CA ASP B 79 27.91 -3.00 -3.81
C ASP B 79 27.75 -1.58 -4.38
N ARG B 80 27.81 -1.54 -5.70
CA ARG B 80 27.42 -0.38 -6.46
C ARG B 80 26.08 -0.73 -7.08
N ILE B 81 25.06 0.07 -6.76
CA ILE B 81 23.69 -0.26 -7.16
C ILE B 81 23.08 0.85 -8.04
N LEU B 82 22.46 0.49 -9.16
CA LEU B 82 21.65 1.46 -9.88
C LEU B 82 20.20 1.31 -9.44
N TYR B 83 19.65 2.39 -8.88
CA TYR B 83 18.26 2.32 -8.29
C TYR B 83 17.38 3.22 -9.15
N LEU B 84 16.45 2.62 -9.86
CA LEU B 84 15.52 3.35 -10.69
C LEU B 84 14.31 3.63 -9.85
N GLY B 85 14.07 4.95 -9.59
CA GLY B 85 12.89 5.33 -8.83
C GLY B 85 13.13 5.44 -7.32
N ILE B 86 14.25 6.03 -6.94
CA ILE B 86 14.67 6.07 -5.54
C ILE B 86 13.64 6.87 -4.68
N ALA B 87 12.84 7.75 -5.31
CA ALA B 87 11.89 8.58 -4.55
C ALA B 87 12.59 9.30 -3.39
N SER B 88 12.06 9.28 -2.17
CA SER B 88 12.62 10.11 -1.12
C SER B 88 13.63 9.31 -0.22
N GLY B 89 13.95 8.09 -0.66
CA GLY B 89 15.10 7.35 -0.09
C GLY B 89 14.75 6.32 0.97
N THR B 90 13.48 5.99 1.20
CA THR B 90 13.15 4.96 2.17
C THR B 90 13.94 3.66 2.04
N THR B 91 13.72 3.00 0.92
CA THR B 91 14.40 1.77 0.70
C THR B 91 15.92 1.97 0.46
N ALA B 92 16.28 3.02 -0.29
CA ALA B 92 17.72 3.24 -0.54
C ALA B 92 18.47 3.48 0.75
N SER B 93 17.84 4.07 1.78
CA SER B 93 18.60 4.36 3.03
C SER B 93 19.03 3.06 3.70
N HIS B 94 18.17 2.04 3.64
CA HIS B 94 18.63 0.76 4.14
C HIS B 94 19.67 0.06 3.28
N MET B 95 19.55 0.17 1.97
CA MET B 95 20.64 -0.31 1.11
C MET B 95 21.96 0.39 1.48
N SER B 96 21.85 1.67 1.73
CA SER B 96 23.02 2.51 2.11
C SER B 96 23.68 1.98 3.40
N ASP B 97 22.84 1.66 4.37
CA ASP B 97 23.38 0.99 5.59
C ASP B 97 24.15 -0.29 5.30
N ILE B 98 23.62 -1.16 4.43
CA ILE B 98 24.14 -2.50 4.24
C ILE B 98 25.46 -2.38 3.42
N ILE B 99 25.43 -1.54 2.41
CA ILE B 99 26.56 -1.54 1.47
C ILE B 99 27.76 -0.85 2.07
N GLY B 100 27.51 -0.01 3.07
CA GLY B 100 28.57 0.69 3.81
C GLY B 100 29.29 1.78 2.99
N PRO B 101 30.30 2.40 3.62
CA PRO B 101 30.95 3.62 3.12
C PRO B 101 31.51 3.49 1.76
N ARG B 102 31.90 2.29 1.36
CA ARG B 102 32.48 2.21 0.02
C ARG B 102 31.56 1.67 -1.12
N GLY B 103 30.33 1.29 -0.76
CA GLY B 103 29.31 1.03 -1.78
C GLY B 103 28.78 2.35 -2.32
N ARG B 104 27.89 2.26 -3.29
CA ARG B 104 27.22 3.44 -3.85
C ARG B 104 25.83 3.02 -4.31
N ILE B 105 24.89 3.92 -4.13
CA ILE B 105 23.59 3.82 -4.82
C ILE B 105 23.46 5.02 -5.70
N TYR B 106 23.30 4.71 -6.99
CA TYR B 106 23.00 5.73 -7.98
C TYR B 106 21.50 5.81 -8.00
N GLY B 107 20.94 6.90 -7.47
CA GLY B 107 19.44 6.97 -7.26
C GLY B 107 18.77 7.87 -8.32
N VAL B 108 18.21 7.22 -9.34
CA VAL B 108 17.56 7.97 -10.43
C VAL B 108 16.14 8.34 -10.04
N GLU B 109 15.80 9.65 -10.10
CA GLU B 109 14.47 10.04 -9.74
C GLU B 109 14.13 11.23 -10.64
N PHE B 110 12.94 11.24 -11.20
CA PHE B 110 12.70 12.30 -12.19
C PHE B 110 11.84 13.43 -11.68
N ALA B 111 11.18 13.24 -10.54
CA ALA B 111 10.34 14.33 -10.01
C ALA B 111 11.11 15.35 -9.09
N PRO B 112 11.25 16.63 -9.58
CA PRO B 112 12.02 17.65 -8.81
C PRO B 112 11.60 17.84 -7.35
N ARG B 113 10.30 17.81 -7.04
CA ARG B 113 9.85 17.90 -5.64
C ARG B 113 10.33 16.70 -4.81
N VAL B 114 10.26 15.52 -5.43
CA VAL B 114 10.70 14.29 -4.78
C VAL B 114 12.23 14.33 -4.58
N MET B 115 12.96 14.68 -5.64
CA MET B 115 14.40 14.92 -5.52
C MET B 115 14.76 15.88 -4.36
N ARG B 116 13.96 16.92 -4.12
CA ARG B 116 14.29 17.86 -3.01
C ARG B 116 14.31 17.21 -1.66
N ASP B 117 13.27 16.39 -1.40
CA ASP B 117 13.17 15.57 -0.19
C ASP B 117 14.31 14.61 -0.05
N LEU B 118 14.64 13.88 -1.12
CA LEU B 118 15.81 13.02 -1.17
C LEU B 118 17.11 13.69 -0.75
N LEU B 119 17.42 14.84 -1.33
CA LEU B 119 18.62 15.62 -0.99
C LEU B 119 18.77 15.91 0.51
N THR B 120 17.65 16.10 1.22
CA THR B 120 17.67 16.17 2.70
C THR B 120 18.34 14.95 3.38
N VAL B 121 18.05 13.74 2.89
CA VAL B 121 18.73 12.51 3.34
C VAL B 121 20.22 12.44 2.98
N VAL B 122 20.54 12.63 1.72
CA VAL B 122 21.89 12.46 1.21
C VAL B 122 22.87 13.54 1.71
N ARG B 123 22.34 14.64 2.24
CA ARG B 123 23.21 15.67 2.82
C ARG B 123 24.26 14.97 3.72
N ASP B 124 23.88 13.87 4.36
CA ASP B 124 24.74 13.25 5.37
C ASP B 124 25.06 11.78 5.02
N ARG B 125 24.46 11.29 3.93
CA ARG B 125 24.67 9.90 3.44
C ARG B 125 25.41 9.93 2.16
N ARG B 126 26.73 9.95 2.27
CA ARG B 126 27.62 10.11 1.12
C ARG B 126 27.74 8.98 0.13
N ASN B 127 27.13 7.83 0.41
CA ASN B 127 27.24 6.75 -0.53
C ASN B 127 25.98 6.67 -1.39
N ILE B 128 25.16 7.71 -1.38
CA ILE B 128 24.02 7.82 -2.29
C ILE B 128 24.29 8.97 -3.26
N PHE B 129 24.17 8.67 -4.53
CA PHE B 129 24.50 9.60 -5.64
C PHE B 129 23.22 9.82 -6.41
N PRO B 130 22.48 10.90 -6.04
CA PRO B 130 21.22 11.13 -6.69
C PRO B 130 21.44 11.56 -8.14
N ILE B 131 20.58 11.04 -9.02
CA ILE B 131 20.58 11.44 -10.45
C ILE B 131 19.16 11.94 -10.76
N LEU B 132 19.05 13.23 -11.09
CA LEU B 132 17.77 13.75 -11.51
C LEU B 132 17.63 13.40 -12.98
N GLY B 133 16.70 12.53 -13.30
CA GLY B 133 16.60 12.20 -14.72
C GLY B 133 15.53 11.16 -14.87
N ASP B 134 15.12 10.94 -16.12
CA ASP B 134 14.09 9.95 -16.45
C ASP B 134 14.72 8.60 -16.78
N ALA B 135 14.28 7.54 -16.06
CA ALA B 135 14.87 6.18 -16.24
C ALA B 135 14.65 5.60 -17.63
N ARG B 136 13.68 6.14 -18.40
CA ARG B 136 13.47 5.64 -19.78
C ARG B 136 14.60 6.03 -20.70
N PHE B 137 15.38 7.03 -20.29
CA PHE B 137 16.43 7.57 -21.15
C PHE B 137 17.79 7.48 -20.52
N PRO B 138 18.32 6.24 -20.33
CA PRO B 138 19.59 6.09 -19.57
C PRO B 138 20.79 6.68 -20.36
N GLU B 139 20.70 6.79 -21.69
CA GLU B 139 21.83 7.43 -22.40
C GLU B 139 22.13 8.83 -21.84
N LYS B 140 21.10 9.52 -21.34
CA LYS B 140 21.25 10.85 -20.74
C LYS B 140 22.06 10.88 -19.43
N TYR B 141 22.23 9.74 -18.75
CA TYR B 141 23.03 9.76 -17.52
C TYR B 141 24.14 8.75 -17.57
N ARG B 142 24.43 8.23 -18.78
CA ARG B 142 25.45 7.18 -18.85
C ARG B 142 26.80 7.66 -18.33
N HIS B 143 27.06 8.96 -18.47
CA HIS B 143 28.36 9.53 -18.02
C HIS B 143 28.44 9.65 -16.48
N LEU B 144 27.34 9.36 -15.78
CA LEU B 144 27.27 9.56 -14.33
C LEU B 144 27.31 8.24 -13.59
N VAL B 145 27.03 7.18 -14.33
CA VAL B 145 26.93 5.86 -13.73
C VAL B 145 27.99 4.89 -14.23
N GLU B 146 28.84 4.40 -13.32
CA GLU B 146 29.75 3.30 -13.66
C GLU B 146 29.02 1.95 -13.79
N GLY B 147 29.67 0.90 -14.29
CA GLY B 147 29.13 -0.46 -14.19
C GLY B 147 28.76 -0.81 -12.74
N VAL B 148 27.53 -1.28 -12.56
CA VAL B 148 27.04 -1.58 -11.24
C VAL B 148 26.92 -3.07 -11.01
N ASP B 149 27.00 -3.42 -9.72
CA ASP B 149 26.77 -4.81 -9.29
C ASP B 149 25.32 -5.27 -9.29
N GLY B 150 24.39 -4.34 -9.18
CA GLY B 150 23.01 -4.67 -9.14
C GLY B 150 22.14 -3.50 -9.57
N LEU B 151 20.90 -3.85 -9.96
CA LEU B 151 20.00 -2.85 -10.51
C LEU B 151 18.69 -3.12 -9.76
N TYR B 152 18.16 -2.10 -9.09
CA TYR B 152 16.86 -2.20 -8.37
C TYR B 152 15.87 -1.26 -9.03
N ALA B 153 14.68 -1.76 -9.37
CA ALA B 153 13.73 -0.89 -10.10
C ALA B 153 12.35 -0.87 -9.39
N ASP B 154 11.86 0.32 -9.10
CA ASP B 154 10.51 0.48 -8.59
C ASP B 154 10.06 1.88 -9.12
N VAL B 155 9.76 1.99 -10.39
CA VAL B 155 9.32 3.30 -10.91
C VAL B 155 7.80 3.41 -11.07
N ALA B 156 7.07 2.31 -10.83
CA ALA B 156 5.58 2.37 -10.76
C ALA B 156 5.02 2.88 -12.09
N GLN B 157 5.59 2.38 -13.20
CA GLN B 157 5.20 2.78 -14.54
C GLN B 157 4.84 1.51 -15.32
N PRO B 158 3.93 1.63 -16.32
CA PRO B 158 3.68 0.51 -17.21
C PRO B 158 4.90 0.15 -18.01
N GLU B 159 5.06 -1.12 -18.31
CA GLU B 159 6.23 -1.46 -19.12
C GLU B 159 7.54 -1.02 -18.43
N GLN B 160 7.57 -1.32 -17.13
CA GLN B 160 8.79 -1.13 -16.38
C GLN B 160 9.91 -2.07 -16.86
N ALA B 161 9.54 -3.30 -17.30
CA ALA B 161 10.51 -4.30 -17.76
C ALA B 161 11.43 -3.77 -18.89
N ALA B 162 10.84 -3.06 -19.87
CA ALA B 162 11.62 -2.44 -20.96
C ALA B 162 12.65 -1.44 -20.43
N ILE B 163 12.21 -0.62 -19.48
CA ILE B 163 13.07 0.38 -18.82
C ILE B 163 14.22 -0.33 -18.12
N VAL B 164 13.87 -1.40 -17.41
CA VAL B 164 14.92 -2.20 -16.77
C VAL B 164 15.95 -2.81 -17.75
N VAL B 165 15.44 -3.45 -18.81
CA VAL B 165 16.33 -4.07 -19.81
C VAL B 165 17.26 -3.00 -20.42
N ARG B 166 16.67 -1.89 -20.81
CA ARG B 166 17.46 -0.78 -21.40
C ARG B 166 18.58 -0.26 -20.48
N ASN B 167 18.25 -0.11 -19.18
CA ASN B 167 19.26 0.28 -18.18
C ASN B 167 20.28 -0.82 -17.96
N ALA B 168 19.83 -2.07 -17.88
CA ALA B 168 20.80 -3.16 -17.66
C ALA B 168 21.84 -3.24 -18.79
N ARG B 169 21.43 -2.94 -20.01
CA ARG B 169 22.32 -3.00 -21.17
C ARG B 169 23.46 -2.00 -21.04
N PHE B 170 23.14 -0.75 -20.67
CA PHE B 170 24.15 0.27 -20.35
C PHE B 170 24.99 -0.02 -19.14
N PHE B 171 24.43 -0.61 -18.09
CA PHE B 171 25.07 -0.50 -16.75
C PHE B 171 25.33 -1.77 -15.95
N LEU B 172 24.47 -2.74 -16.08
CA LEU B 172 24.53 -3.93 -15.22
C LEU B 172 25.69 -4.85 -15.62
N ARG B 173 26.62 -5.03 -14.70
CA ARG B 173 27.72 -5.98 -14.96
C ARG B 173 27.22 -7.39 -15.18
N ASP B 174 27.99 -8.17 -15.96
CA ASP B 174 27.66 -9.57 -16.22
C ASP B 174 27.56 -10.30 -14.89
N GLY B 175 26.47 -11.02 -14.71
CA GLY B 175 26.22 -11.76 -13.48
C GLY B 175 25.64 -10.86 -12.40
N GLY B 176 25.46 -9.57 -12.69
CA GLY B 176 24.92 -8.60 -11.69
C GLY B 176 23.45 -8.91 -11.45
N TYR B 177 22.93 -8.58 -10.27
CA TYR B 177 21.54 -8.93 -9.95
C TYR B 177 20.55 -7.84 -10.37
N MET B 178 19.28 -8.19 -10.56
CA MET B 178 18.29 -7.26 -10.98
C MET B 178 17.11 -7.58 -10.02
N LEU B 179 16.63 -6.58 -9.27
CA LEU B 179 15.39 -6.73 -8.46
C LEU B 179 14.42 -5.72 -8.98
N MET B 180 13.22 -6.20 -9.32
CA MET B 180 12.17 -5.36 -9.88
C MET B 180 10.85 -5.57 -9.13
N ALA B 181 10.35 -4.47 -8.60
CA ALA B 181 8.99 -4.49 -7.94
C ALA B 181 7.94 -4.33 -9.05
N ILE B 182 7.19 -5.38 -9.32
CA ILE B 182 6.22 -5.41 -10.42
C ILE B 182 4.80 -5.36 -9.82
N LYS B 183 3.88 -4.63 -10.50
CA LYS B 183 2.47 -4.54 -10.07
C LYS B 183 1.95 -5.95 -10.32
N ALA B 184 1.34 -6.58 -9.33
CA ALA B 184 0.95 -7.99 -9.44
C ALA B 184 -0.03 -8.37 -8.36
N ARG B 185 -0.95 -9.28 -8.69
CA ARG B 185 -1.81 -9.95 -7.72
C ARG B 185 -1.10 -11.19 -7.20
N SER B 186 -1.46 -11.66 -5.99
CA SER B 186 -0.85 -12.88 -5.52
C SER B 186 -1.08 -14.01 -6.52
N ILE B 187 -2.26 -14.09 -7.16
CA ILE B 187 -2.46 -15.15 -8.14
C ILE B 187 -1.67 -15.02 -9.43
N ASP B 188 -1.12 -13.82 -9.74
CA ASP B 188 -0.28 -13.73 -10.94
C ASP B 188 1.00 -14.50 -10.76
N VAL B 189 1.43 -14.61 -9.52
CA VAL B 189 2.73 -15.23 -9.21
C VAL B 189 2.63 -16.76 -9.24
N THR B 190 1.40 -17.24 -9.08
CA THR B 190 1.14 -18.67 -8.96
C THR B 190 0.41 -19.21 -10.23
N THR B 191 -0.91 -19.21 -10.26
CA THR B 191 -1.60 -19.99 -11.26
C THR B 191 -2.27 -19.19 -12.39
N GLU B 192 -2.52 -17.89 -12.21
CA GLU B 192 -3.25 -17.15 -13.24
C GLU B 192 -2.56 -15.82 -13.70
N PRO B 193 -1.29 -15.91 -14.19
CA PRO B 193 -0.61 -14.65 -14.60
C PRO B 193 -1.41 -13.95 -15.68
N SER B 194 -1.62 -12.65 -15.49
CA SER B 194 -2.42 -11.90 -16.44
C SER B 194 -1.61 -11.61 -17.65
N GLU B 195 -2.25 -11.06 -18.66
CA GLU B 195 -1.50 -10.82 -19.91
C GLU B 195 -0.43 -9.77 -19.68
N VAL B 196 -0.82 -8.71 -18.97
CA VAL B 196 0.15 -7.66 -18.62
C VAL B 196 1.35 -8.18 -17.83
N TYR B 197 1.07 -9.04 -16.87
CA TYR B 197 2.12 -9.62 -16.07
C TYR B 197 3.06 -10.50 -16.91
N LYS B 198 2.48 -11.35 -17.78
CA LYS B 198 3.26 -12.30 -18.61
C LYS B 198 4.19 -11.55 -19.54
N ARG B 199 3.71 -10.42 -20.03
CA ARG B 199 4.49 -9.58 -20.93
C ARG B 199 5.72 -8.97 -20.26
N GLU B 200 5.60 -8.59 -18.99
CA GLU B 200 6.72 -8.01 -18.29
C GLU B 200 7.76 -9.11 -18.08
N ILE B 201 7.31 -10.30 -17.68
CA ILE B 201 8.25 -11.42 -17.42
C ILE B 201 9.01 -11.74 -18.73
N LYS B 202 8.29 -11.77 -19.84
CA LYS B 202 8.92 -12.10 -21.13
C LYS B 202 9.91 -11.03 -21.59
N THR B 203 9.50 -9.79 -21.38
CA THR B 203 10.41 -8.65 -21.68
C THR B 203 11.75 -8.82 -20.97
N LEU B 204 11.71 -9.13 -19.69
CA LEU B 204 12.92 -9.36 -18.96
C LEU B 204 13.77 -10.52 -19.48
N MET B 205 13.08 -11.61 -19.78
CA MET B 205 13.71 -12.84 -20.23
C MET B 205 14.32 -12.62 -21.61
N ASP B 206 13.61 -11.90 -22.47
CA ASP B 206 14.10 -11.56 -23.82
C ASP B 206 15.34 -10.72 -23.70
N GLY B 207 15.47 -10.03 -22.57
CA GLY B 207 16.57 -9.13 -22.34
C GLY B 207 17.77 -9.91 -21.84
N GLY B 208 17.64 -11.23 -21.74
CA GLY B 208 18.78 -12.07 -21.29
C GLY B 208 18.89 -12.22 -19.79
N LEU B 209 17.79 -11.91 -19.11
CA LEU B 209 17.74 -12.04 -17.65
C LEU B 209 17.05 -13.35 -17.32
N GLU B 210 17.68 -14.09 -16.43
CA GLU B 210 17.15 -15.34 -16.02
C GLU B 210 16.46 -15.10 -14.66
N ILE B 211 15.15 -15.40 -14.57
CA ILE B 211 14.40 -15.19 -13.29
C ILE B 211 14.83 -16.28 -12.34
N LYS B 212 15.27 -15.87 -11.14
CA LYS B 212 15.65 -16.77 -10.07
C LYS B 212 14.58 -16.88 -9.00
N ASP B 213 13.74 -15.85 -8.80
CA ASP B 213 12.74 -15.90 -7.72
C ASP B 213 11.68 -14.81 -8.02
N VAL B 214 10.45 -15.11 -7.69
CA VAL B 214 9.39 -14.12 -7.60
C VAL B 214 8.60 -14.31 -6.32
N VAL B 215 8.44 -13.27 -5.53
CA VAL B 215 7.67 -13.42 -4.30
C VAL B 215 6.65 -12.27 -4.25
N HIS B 216 5.39 -12.60 -4.01
CA HIS B 216 4.42 -11.49 -3.84
C HIS B 216 4.51 -10.96 -2.44
N LEU B 217 4.26 -9.67 -2.28
CA LEU B 217 4.55 -8.97 -1.02
C LEU B 217 3.38 -8.85 -0.06
N ASP B 218 2.25 -9.45 -0.38
CA ASP B 218 1.04 -9.34 0.50
C ASP B 218 1.32 -9.97 1.88
N PRO B 219 0.87 -9.35 2.96
CA PRO B 219 0.12 -8.12 3.06
C PRO B 219 0.97 -6.89 3.33
N PHE B 220 2.28 -7.03 3.26
CA PHE B 220 3.15 -5.87 3.46
C PHE B 220 3.01 -4.82 2.34
N ASP B 221 3.00 -5.32 1.12
CA ASP B 221 2.54 -4.55 -0.01
C ASP B 221 1.59 -5.34 -0.87
N ARG B 222 0.30 -4.96 -0.89
CA ARG B 222 -0.72 -5.86 -1.42
C ARG B 222 -0.77 -5.76 -2.97
N ASP B 223 -0.02 -4.82 -3.52
CA ASP B 223 -0.11 -4.48 -4.94
C ASP B 223 1.07 -5.00 -5.83
N HIS B 224 2.10 -5.60 -5.21
CA HIS B 224 3.38 -5.88 -5.92
C HIS B 224 3.99 -7.23 -5.55
N ALA B 225 4.81 -7.74 -6.49
CA ALA B 225 5.69 -8.82 -6.20
C ALA B 225 7.09 -8.28 -6.45
N MET B 226 8.10 -8.97 -5.93
CA MET B 226 9.49 -8.64 -6.23
C MET B 226 10.08 -9.73 -7.13
N ILE B 227 10.65 -9.34 -8.27
CA ILE B 227 11.32 -10.27 -9.16
C ILE B 227 12.79 -10.17 -8.91
N TYR B 228 13.42 -11.33 -8.80
CA TYR B 228 14.89 -11.41 -8.69
C TYR B 228 15.42 -12.19 -9.92
N ALA B 229 16.32 -11.53 -10.67
CA ALA B 229 16.90 -12.16 -11.83
C ALA B 229 18.41 -11.89 -11.88
N VAL B 230 19.05 -12.81 -12.61
CA VAL B 230 20.49 -12.87 -12.98
C VAL B 230 21.55 -12.60 -11.89
N SAM C . -20.48 3.92 6.23
CA SAM C . -21.76 4.41 5.64
C SAM C . -21.48 4.74 4.17
O SAM C . -20.36 5.15 3.81
OXT SAM C . -22.38 4.59 3.35
CB SAM C . -22.30 5.69 6.37
CG SAM C . -22.32 5.35 7.85
SD SAM C . -23.38 6.40 8.88
CE SAM C . -22.17 7.74 8.92
C5' SAM C . -23.06 5.68 10.54
C4' SAM C . -23.94 4.46 10.86
O4' SAM C . -23.45 3.71 11.97
C3' SAM C . -25.39 4.73 11.21
O3' SAM C . -26.15 3.99 10.25
C2' SAM C . -25.59 4.34 12.69
O2' SAM C . -26.85 3.77 12.92
C1' SAM C . -24.50 3.30 12.88
N9 SAM C . -23.89 3.28 14.23
C8 SAM C . -23.61 4.32 15.12
N7 SAM C . -23.04 3.76 16.26
C5 SAM C . -22.98 2.44 16.12
C6 SAM C . -22.49 1.43 16.94
N6 SAM C . -21.95 1.65 18.20
N1 SAM C . -22.59 0.18 16.36
C2 SAM C . -23.11 -0.18 15.13
N3 SAM C . -23.58 0.84 14.32
C4 SAM C . -23.53 2.09 14.85
N SAM D . 11.52 2.69 -4.47
CA SAM D . 11.05 3.74 -3.48
C SAM D . 11.08 3.12 -2.06
O SAM D . 11.02 1.87 -1.87
OXT SAM D . 11.18 3.88 -1.11
CB SAM D . 9.63 4.21 -3.76
CG SAM D . 9.47 4.50 -5.25
SD SAM D . 7.85 5.26 -5.75
CE SAM D . 6.75 3.80 -5.77
C5' SAM D . 8.08 5.56 -7.52
C4' SAM D . 9.11 6.67 -7.80
O4' SAM D . 9.68 6.59 -9.12
C3' SAM D . 8.41 8.04 -7.65
O3' SAM D . 9.21 8.89 -6.89
C2' SAM D . 8.39 8.60 -9.06
O2' SAM D . 8.62 10.00 -9.01
C1' SAM D . 9.59 7.88 -9.75
N9 SAM D . 9.48 7.72 -11.22
C8 SAM D . 8.36 7.38 -11.99
N7 SAM D . 8.74 7.25 -13.27
C5 SAM D . 10.10 7.53 -13.36
C6 SAM D . 11.01 7.59 -14.43
N6 SAM D . 10.60 7.32 -15.71
N1 SAM D . 12.36 7.91 -14.16
C2 SAM D . 12.82 8.19 -12.88
N3 SAM D . 11.91 8.13 -11.84
C4 SAM D . 10.57 7.82 -12.07
#